data_2DOR
#
_entry.id   2DOR
#
_cell.length_a   53.910
_cell.length_b   109.030
_cell.length_c   67.070
_cell.angle_alpha   90.00
_cell.angle_beta   104.43
_cell.angle_gamma   90.00
#
_symmetry.space_group_name_H-M   'P 1 21 1'
#
loop_
_entity.id
_entity.type
_entity.pdbx_description
1 polymer 'DIHYDROOROTATE DEHYDROGENASE A'
2 non-polymer 'FLAVIN MONONUCLEOTIDE'
3 non-polymer 'OROTIC ACID'
4 water water
#
_entity_poly.entity_id   1
_entity_poly.type   'polypeptide(L)'
_entity_poly.pdbx_seq_one_letter_code
;MLNTTFANAKFANPFMNASGVHCMTIEDLEELKASQAGAYITKSSTLEKREGNPLPRYVDLELGSINSMGLPNLGFDYYL
DYVLKNQKENAQEGPIFFSIAGMSAAENIAMLKKIQESDFSGITELNLSCPNVPGKPQLAYDFEATEKLLKEVFTFFTKP
LGVKLPPYFDLVHFDIMAEILNQFPLTYVNSVNSIGNGLFIDPEAESVVIKPKDGFGGIGGAYIKPTALANVRAFYTRLK
PEIQIIGTGGIETGQDAFEHLLCGATMLQIGTALHKEGPAIFDRIIKELEEIMNQKGYQSIADFHGKLKSL
;
_entity_poly.pdbx_strand_id   A,B
#
# COMPACT_ATOMS: atom_id res chain seq x y z
N MET A 1 29.97 16.49 2.27
CA MET A 1 29.99 15.22 3.02
C MET A 1 29.04 14.17 2.47
N LEU A 2 28.34 14.49 1.38
CA LEU A 2 27.37 13.58 0.77
C LEU A 2 27.89 12.83 -0.43
N ASN A 3 29.20 12.88 -0.62
CA ASN A 3 29.84 12.18 -1.74
C ASN A 3 29.37 10.72 -1.70
N THR A 4 29.01 10.20 -2.86
CA THR A 4 28.47 8.85 -2.99
C THR A 4 29.07 8.08 -4.16
N THR A 5 29.24 6.78 -3.98
CA THR A 5 29.73 5.90 -5.04
C THR A 5 28.60 4.96 -5.36
N PHE A 6 28.18 4.93 -6.62
CA PHE A 6 27.05 4.11 -7.04
C PHE A 6 27.32 3.63 -8.46
N ALA A 7 27.15 2.33 -8.71
CA ALA A 7 27.40 1.76 -10.02
C ALA A 7 28.80 2.15 -10.52
N ASN A 8 29.77 2.17 -9.62
CA ASN A 8 31.14 2.53 -9.94
C ASN A 8 31.33 3.95 -10.46
N ALA A 9 30.40 4.83 -10.14
CA ALA A 9 30.52 6.21 -10.55
C ALA A 9 30.50 7.01 -9.26
N LYS A 10 31.07 8.19 -9.27
CA LYS A 10 31.08 9.02 -8.09
C LYS A 10 30.09 10.15 -8.32
N PHE A 11 29.28 10.44 -7.31
CA PHE A 11 28.29 11.50 -7.40
C PHE A 11 28.53 12.48 -6.25
N ALA A 12 28.24 13.75 -6.48
CA ALA A 12 28.42 14.78 -5.46
C ALA A 12 27.50 14.58 -4.24
N ASN A 13 26.33 14.02 -4.47
CA ASN A 13 25.36 13.75 -3.40
C ASN A 13 24.46 12.66 -3.95
N PRO A 14 23.66 12.00 -3.08
CA PRO A 14 22.78 10.93 -3.56
C PRO A 14 21.43 11.32 -4.15
N PHE A 15 21.11 12.61 -4.18
CA PHE A 15 19.81 13.05 -4.68
C PHE A 15 19.59 13.10 -6.19
N MET A 16 18.40 12.66 -6.61
CA MET A 16 17.98 12.66 -8.01
C MET A 16 16.48 12.95 -8.04
N ASN A 17 15.96 13.25 -9.22
CA ASN A 17 14.51 13.44 -9.39
C ASN A 17 14.04 12.00 -9.60
N ALA A 18 12.76 11.72 -9.33
CA ALA A 18 12.21 10.39 -9.58
C ALA A 18 11.76 10.44 -11.03
N SER A 19 11.82 9.32 -11.75
CA SER A 19 11.39 9.34 -13.15
C SER A 19 9.94 9.80 -13.27
N GLY A 20 9.69 10.67 -14.25
CA GLY A 20 8.35 11.19 -14.45
C GLY A 20 8.11 12.56 -13.87
N VAL A 21 8.99 13.07 -13.00
CA VAL A 21 8.79 14.37 -12.41
C VAL A 21 9.90 15.29 -12.90
N HIS A 22 9.50 16.41 -13.52
CA HIS A 22 10.43 17.41 -14.02
C HIS A 22 11.50 16.87 -15.00
N CYS A 23 11.10 16.02 -15.94
CA CYS A 23 12.08 15.42 -16.84
C CYS A 23 11.45 14.97 -18.15
N MET A 24 10.40 15.67 -18.58
CA MET A 24 9.68 15.31 -19.80
C MET A 24 10.34 15.83 -21.09
N THR A 25 10.82 17.07 -21.05
CA THR A 25 11.46 17.73 -22.21
C THR A 25 12.93 18.05 -21.90
N ILE A 26 13.68 18.40 -22.95
CA ILE A 26 15.08 18.76 -22.82
C ILE A 26 15.20 19.94 -21.88
N GLU A 27 14.23 20.86 -21.94
CA GLU A 27 14.22 22.04 -21.08
C GLU A 27 14.14 21.63 -19.59
N ASP A 28 13.27 20.66 -19.29
CA ASP A 28 13.15 20.17 -17.90
C ASP A 28 14.49 19.58 -17.45
N LEU A 29 15.05 18.71 -18.30
CA LEU A 29 16.32 18.03 -18.04
C LEU A 29 17.47 18.99 -17.82
N GLU A 30 17.50 20.07 -18.61
CA GLU A 30 18.56 21.09 -18.48
C GLU A 30 18.40 21.75 -17.12
N GLU A 31 17.16 21.95 -16.70
CA GLU A 31 16.94 22.57 -15.38
C GLU A 31 17.47 21.64 -14.28
N LEU A 32 17.31 20.33 -14.46
CA LEU A 32 17.81 19.38 -13.48
C LEU A 32 19.35 19.40 -13.50
N LYS A 33 19.94 19.47 -14.68
CA LYS A 33 21.39 19.53 -14.80
C LYS A 33 21.93 20.75 -14.07
N ALA A 34 21.21 21.86 -14.15
CA ALA A 34 21.61 23.10 -13.49
C ALA A 34 21.37 23.16 -11.97
N SER A 35 20.54 22.27 -11.44
CA SER A 35 20.24 22.26 -10.00
C SER A 35 21.33 21.56 -9.19
N GLN A 36 21.10 21.40 -7.89
CA GLN A 36 22.06 20.73 -7.01
C GLN A 36 21.88 19.20 -7.00
N ALA A 37 20.98 18.68 -7.82
CA ALA A 37 20.77 17.24 -7.85
C ALA A 37 22.08 16.53 -8.18
N GLY A 38 22.37 15.45 -7.46
CA GLY A 38 23.59 14.72 -7.73
C GLY A 38 23.52 13.99 -9.07
N ALA A 39 22.33 13.67 -9.55
CA ALA A 39 22.18 12.97 -10.83
C ALA A 39 20.75 13.14 -11.27
N TYR A 40 20.41 12.74 -12.48
CA TYR A 40 19.03 12.87 -12.92
C TYR A 40 18.60 11.79 -13.86
N ILE A 41 17.31 11.59 -13.97
CA ILE A 41 16.77 10.53 -14.81
C ILE A 41 15.67 11.06 -15.71
N THR A 42 15.54 10.48 -16.90
CA THR A 42 14.54 10.93 -17.87
C THR A 42 13.18 10.30 -17.57
N LYS A 43 12.15 10.86 -18.19
CA LYS A 43 10.78 10.32 -18.07
C LYS A 43 10.80 8.96 -18.75
N SER A 44 10.11 7.96 -18.19
CA SER A 44 10.08 6.65 -18.83
C SER A 44 9.57 6.80 -20.26
N SER A 45 10.28 6.24 -21.23
CA SER A 45 9.86 6.38 -22.62
C SER A 45 9.38 5.09 -23.28
N THR A 46 8.68 5.29 -24.38
CA THR A 46 8.15 4.19 -25.20
C THR A 46 8.74 4.43 -26.59
N LEU A 47 8.64 3.46 -27.47
CA LEU A 47 9.17 3.63 -28.83
C LEU A 47 8.59 4.85 -29.56
N GLU A 48 7.27 5.01 -29.48
CA GLU A 48 6.58 6.13 -30.11
C GLU A 48 6.17 7.19 -29.07
N LYS A 49 6.08 8.43 -29.53
CA LYS A 49 5.65 9.56 -28.68
C LYS A 49 4.23 9.21 -28.16
N ARG A 50 3.89 9.63 -26.94
CA ARG A 50 2.58 9.34 -26.36
C ARG A 50 2.06 10.59 -25.70
N GLU A 51 0.78 10.87 -25.91
CA GLU A 51 0.17 12.05 -25.33
C GLU A 51 -0.23 11.81 -23.86
N GLY A 52 -0.49 10.55 -23.53
CA GLY A 52 -0.89 10.19 -22.18
C GLY A 52 -2.40 10.16 -21.99
N ASN A 53 -2.84 10.06 -20.74
CA ASN A 53 -4.26 10.00 -20.41
C ASN A 53 -4.88 11.37 -20.40
N PRO A 54 -6.22 11.44 -20.49
CA PRO A 54 -6.94 12.73 -20.49
C PRO A 54 -6.83 13.44 -19.15
N LEU A 55 -7.00 14.76 -19.17
CA LEU A 55 -6.90 15.57 -17.96
C LEU A 55 -8.26 15.69 -17.27
N PRO A 56 -8.28 15.94 -15.94
CA PRO A 56 -7.10 16.11 -15.10
C PRO A 56 -6.52 14.70 -14.78
N ARG A 57 -5.20 14.60 -14.70
CA ARG A 57 -4.58 13.30 -14.45
C ARG A 57 -3.56 13.33 -13.32
N TYR A 58 -3.42 14.47 -12.66
CA TYR A 58 -2.52 14.62 -11.53
C TYR A 58 -3.12 15.63 -10.57
N VAL A 59 -3.14 15.31 -9.28
CA VAL A 59 -3.68 16.21 -8.28
C VAL A 59 -2.80 16.24 -7.05
N ASP A 60 -2.49 17.44 -6.54
CA ASP A 60 -1.70 17.58 -5.33
C ASP A 60 -2.63 17.33 -4.16
N LEU A 61 -2.24 16.46 -3.24
CA LEU A 61 -3.05 16.16 -2.08
C LEU A 61 -2.33 16.66 -0.86
N GLU A 62 -3.05 16.93 0.21
CA GLU A 62 -2.43 17.41 1.43
C GLU A 62 -1.36 16.43 1.92
N LEU A 63 -1.57 15.13 1.72
CA LEU A 63 -0.59 14.15 2.18
C LEU A 63 0.22 13.48 1.07
N GLY A 64 0.20 14.05 -0.13
CA GLY A 64 0.96 13.45 -1.22
C GLY A 64 0.44 13.84 -2.58
N SER A 65 0.18 12.84 -3.41
CA SER A 65 -0.32 13.11 -4.75
C SER A 65 -0.96 11.85 -5.30
N ILE A 66 -1.77 12.02 -6.35
CA ILE A 66 -2.39 10.90 -7.01
C ILE A 66 -2.22 11.24 -8.49
N ASN A 67 -1.90 10.26 -9.31
CA ASN A 67 -1.72 10.55 -10.71
C ASN A 67 -2.01 9.34 -11.56
N SER A 68 -2.43 9.60 -12.80
CA SER A 68 -2.63 8.56 -13.77
C SER A 68 -2.21 9.23 -15.08
N MET A 69 -0.91 9.55 -15.17
CA MET A 69 -0.37 10.23 -16.35
C MET A 69 -0.55 9.44 -17.64
N GLY A 70 -0.38 8.13 -17.58
CA GLY A 70 -0.53 7.32 -18.78
C GLY A 70 0.71 7.33 -19.67
N LEU A 71 1.87 7.52 -19.06
CA LEU A 71 3.17 7.55 -19.76
C LEU A 71 3.32 8.57 -20.90
N PRO A 72 2.95 9.82 -20.64
CA PRO A 72 3.11 10.80 -21.72
C PRO A 72 4.63 11.01 -21.84
N ASN A 73 5.15 10.90 -23.06
CA ASN A 73 6.59 11.11 -23.25
C ASN A 73 6.88 11.43 -24.71
N LEU A 74 8.04 12.03 -24.95
CA LEU A 74 8.39 12.42 -26.32
C LEU A 74 8.99 11.35 -27.22
N GLY A 75 8.96 10.09 -26.78
CA GLY A 75 9.48 8.99 -27.58
C GLY A 75 10.93 8.63 -27.31
N PHE A 76 11.25 7.36 -27.46
CA PHE A 76 12.61 6.84 -27.22
C PHE A 76 13.75 7.62 -27.93
N ASP A 77 13.60 7.85 -29.24
CA ASP A 77 14.62 8.56 -30.00
C ASP A 77 14.95 9.96 -29.50
N TYR A 78 13.92 10.68 -29.07
CA TYR A 78 14.12 12.02 -28.54
C TYR A 78 15.06 11.99 -27.34
N TYR A 79 14.80 11.10 -26.39
CA TYR A 79 15.64 10.99 -25.19
C TYR A 79 17.03 10.45 -25.51
N LEU A 80 17.12 9.47 -26.41
CA LEU A 80 18.41 8.90 -26.79
C LEU A 80 19.31 9.98 -27.42
N ASP A 81 18.80 10.75 -28.37
CA ASP A 81 19.62 11.79 -28.98
C ASP A 81 20.12 12.78 -27.98
N TYR A 82 19.25 13.15 -27.04
CA TYR A 82 19.63 14.11 -26.03
C TYR A 82 20.77 13.58 -25.14
N VAL A 83 20.66 12.35 -24.66
CA VAL A 83 21.72 11.82 -23.78
C VAL A 83 23.03 11.63 -24.55
N LEU A 84 22.94 11.23 -25.83
CA LEU A 84 24.14 11.04 -26.64
C LEU A 84 24.85 12.37 -26.86
N LYS A 85 24.10 13.42 -27.18
CA LYS A 85 24.67 14.76 -27.38
C LYS A 85 25.33 15.23 -26.09
N ASN A 86 24.67 14.93 -24.99
CA ASN A 86 25.15 15.33 -23.68
C ASN A 86 26.42 14.61 -23.26
N GLN A 87 26.60 13.40 -23.75
CA GLN A 87 27.80 12.63 -23.42
C GLN A 87 29.04 13.30 -24.00
N LYS A 88 28.92 13.86 -25.21
CA LYS A 88 30.03 14.53 -25.87
C LYS A 88 30.53 15.72 -25.07
N GLU A 89 29.62 16.52 -24.55
CA GLU A 89 30.00 17.67 -23.75
C GLU A 89 30.16 17.19 -22.32
N ASN A 90 31.39 16.91 -21.89
CA ASN A 90 31.61 16.44 -20.52
C ASN A 90 31.48 17.58 -19.52
N ALA A 91 30.27 18.12 -19.42
CA ALA A 91 29.95 19.24 -18.53
C ALA A 91 29.14 18.73 -17.33
N GLN A 92 29.37 17.48 -16.97
CA GLN A 92 28.66 16.85 -15.87
C GLN A 92 29.42 15.61 -15.42
N GLU A 93 29.67 15.55 -14.11
CA GLU A 93 30.37 14.42 -13.49
C GLU A 93 29.32 13.39 -13.06
N GLY A 94 29.46 12.18 -13.59
CA GLY A 94 28.51 11.14 -13.27
C GLY A 94 27.58 10.94 -14.46
N PRO A 95 27.24 9.68 -14.74
CA PRO A 95 26.35 9.34 -15.85
C PRO A 95 24.91 9.84 -15.65
N ILE A 96 24.18 9.88 -16.75
CA ILE A 96 22.80 10.32 -16.73
C ILE A 96 22.01 9.00 -16.73
N PHE A 97 20.83 8.97 -16.10
CA PHE A 97 20.01 7.76 -16.07
C PHE A 97 18.92 7.86 -17.12
N PHE A 98 18.64 6.75 -17.79
CA PHE A 98 17.67 6.71 -18.88
C PHE A 98 16.59 5.70 -18.54
N SER A 99 15.35 6.16 -18.41
CA SER A 99 14.28 5.22 -18.07
C SER A 99 13.44 4.77 -19.26
N ILE A 100 13.15 3.47 -19.34
CA ILE A 100 12.31 2.95 -20.42
C ILE A 100 11.14 2.14 -19.81
N ALA A 101 9.97 2.24 -20.44
CA ALA A 101 8.79 1.53 -19.97
C ALA A 101 7.97 1.08 -21.16
N GLY A 102 8.46 0.06 -21.86
CA GLY A 102 7.73 -0.48 -23.01
C GLY A 102 6.41 -1.07 -22.59
N MET A 103 5.41 -0.98 -23.46
CA MET A 103 4.07 -1.51 -23.20
C MET A 103 4.03 -3.04 -23.31
N SER A 104 5.10 -3.67 -23.76
CA SER A 104 5.16 -5.11 -23.89
C SER A 104 6.61 -5.54 -23.76
N ALA A 105 6.83 -6.84 -23.54
CA ALA A 105 8.19 -7.36 -23.41
C ALA A 105 8.95 -7.06 -24.70
N ALA A 106 8.28 -7.27 -25.83
CA ALA A 106 8.89 -7.01 -27.13
C ALA A 106 9.40 -5.58 -27.26
N GLU A 107 8.58 -4.61 -26.82
CA GLU A 107 8.97 -3.21 -26.90
C GLU A 107 10.16 -2.90 -26.02
N ASN A 108 10.24 -3.54 -24.86
CA ASN A 108 11.35 -3.32 -23.95
C ASN A 108 12.66 -3.87 -24.51
N ILE A 109 12.59 -5.06 -25.09
CA ILE A 109 13.78 -5.67 -25.66
C ILE A 109 14.29 -4.85 -26.83
N ALA A 110 13.37 -4.33 -27.62
CA ALA A 110 13.71 -3.51 -28.77
C ALA A 110 14.44 -2.25 -28.31
N MET A 111 13.94 -1.59 -27.26
CA MET A 111 14.60 -0.38 -26.78
C MET A 111 15.97 -0.69 -26.16
N LEU A 112 16.06 -1.81 -25.43
CA LEU A 112 17.32 -2.23 -24.78
C LEU A 112 18.37 -2.59 -25.83
N LYS A 113 17.95 -3.21 -26.94
CA LYS A 113 18.87 -3.53 -28.00
C LYS A 113 19.44 -2.24 -28.61
N LYS A 114 18.59 -1.23 -28.79
CA LYS A 114 19.05 0.05 -29.34
C LYS A 114 20.02 0.76 -28.40
N ILE A 115 19.76 0.64 -27.10
CA ILE A 115 20.65 1.25 -26.11
C ILE A 115 21.99 0.50 -26.11
N GLN A 116 21.91 -0.82 -26.23
CA GLN A 116 23.11 -1.66 -26.26
C GLN A 116 23.98 -1.29 -27.47
N GLU A 117 23.35 -1.13 -28.63
CA GLU A 117 24.06 -0.79 -29.86
C GLU A 117 24.65 0.61 -29.89
N SER A 118 23.99 1.56 -29.24
CA SER A 118 24.45 2.94 -29.23
C SER A 118 25.70 3.15 -28.38
N ASP A 119 26.21 4.38 -28.38
CA ASP A 119 27.38 4.71 -27.58
C ASP A 119 26.98 5.17 -26.20
N PHE A 120 25.70 5.04 -25.85
CA PHE A 120 25.25 5.47 -24.53
C PHE A 120 26.10 4.77 -23.46
N SER A 121 26.68 5.56 -22.56
CA SER A 121 27.52 5.02 -21.50
C SER A 121 26.93 5.35 -20.12
N GLY A 122 25.66 5.76 -20.08
CA GLY A 122 25.02 6.06 -18.82
C GLY A 122 24.35 4.81 -18.25
N ILE A 123 23.43 5.03 -17.31
CA ILE A 123 22.72 3.93 -16.65
C ILE A 123 21.27 3.82 -17.13
N THR A 124 20.80 2.60 -17.37
CA THR A 124 19.42 2.38 -17.81
C THR A 124 18.52 1.83 -16.69
N GLU A 125 17.29 2.36 -16.60
CA GLU A 125 16.35 1.89 -15.60
C GLU A 125 15.16 1.29 -16.34
N LEU A 126 14.91 0.00 -16.10
CA LEU A 126 13.80 -0.69 -16.72
C LEU A 126 12.58 -0.61 -15.77
N ASN A 127 11.54 0.07 -16.20
CA ASN A 127 10.36 0.27 -15.38
C ASN A 127 9.42 -0.91 -15.51
N LEU A 128 9.34 -1.75 -14.48
CA LEU A 128 8.45 -2.90 -14.54
C LEU A 128 7.20 -2.69 -13.68
N SER A 129 6.86 -1.44 -13.40
CA SER A 129 5.75 -1.15 -12.51
C SER A 129 4.89 0.06 -12.80
N CYS A 130 4.62 0.36 -14.08
CA CYS A 130 3.75 1.51 -14.36
C CYS A 130 2.32 1.08 -14.01
N PRO A 131 1.64 1.78 -13.08
CA PRO A 131 0.29 1.34 -12.76
C PRO A 131 -0.83 2.18 -13.38
N ASN A 132 -0.48 3.04 -14.34
CA ASN A 132 -1.46 3.97 -14.94
C ASN A 132 -1.89 3.79 -16.41
N VAL A 133 -1.57 2.65 -17.00
CA VAL A 133 -1.95 2.36 -18.38
C VAL A 133 -3.12 1.37 -18.38
N PRO A 134 -4.31 1.82 -18.83
CA PRO A 134 -5.53 0.99 -18.89
C PRO A 134 -5.33 -0.32 -19.66
N GLY A 135 -5.66 -1.44 -19.02
CA GLY A 135 -5.51 -2.74 -19.65
C GLY A 135 -4.15 -3.41 -19.54
N LYS A 136 -3.19 -2.74 -18.92
CA LYS A 136 -1.83 -3.26 -18.74
C LYS A 136 -1.47 -3.49 -17.25
N PRO A 137 -1.48 -4.75 -16.77
CA PRO A 137 -1.14 -4.97 -15.36
C PRO A 137 0.37 -4.75 -15.12
N GLN A 138 0.77 -4.63 -13.85
CA GLN A 138 2.17 -4.40 -13.52
C GLN A 138 2.96 -5.68 -13.69
N LEU A 139 3.95 -5.64 -14.59
CA LEU A 139 4.75 -6.82 -14.86
C LEU A 139 5.44 -7.39 -13.62
N ALA A 140 5.96 -6.53 -12.76
CA ALA A 140 6.66 -6.97 -11.55
C ALA A 140 5.82 -7.70 -10.51
N TYR A 141 4.50 -7.76 -10.70
CA TYR A 141 3.66 -8.52 -9.77
C TYR A 141 3.48 -9.93 -10.33
N ASP A 142 4.02 -10.17 -11.53
CA ASP A 142 3.96 -11.48 -12.16
C ASP A 142 5.40 -11.99 -12.14
N PHE A 143 5.74 -12.74 -11.09
CA PHE A 143 7.10 -13.25 -10.93
C PHE A 143 7.66 -14.06 -12.07
N GLU A 144 6.84 -14.93 -12.63
CA GLU A 144 7.26 -15.78 -13.74
C GLU A 144 7.58 -14.94 -14.98
N ALA A 145 6.71 -13.99 -15.31
CA ALA A 145 6.91 -13.10 -16.46
C ALA A 145 8.14 -12.22 -16.27
N THR A 146 8.37 -11.77 -15.05
CA THR A 146 9.52 -10.93 -14.75
C THR A 146 10.83 -11.68 -14.93
N GLU A 147 10.89 -12.91 -14.44
CA GLU A 147 12.11 -13.70 -14.59
C GLU A 147 12.40 -13.99 -16.06
N LYS A 148 11.37 -14.33 -16.84
CA LYS A 148 11.56 -14.61 -18.26
C LYS A 148 12.10 -13.42 -19.01
N LEU A 149 11.57 -12.24 -18.73
CA LEU A 149 12.04 -11.03 -19.41
C LEU A 149 13.52 -10.77 -19.08
N LEU A 150 13.87 -10.82 -17.79
CA LEU A 150 15.25 -10.59 -17.36
C LEU A 150 16.22 -11.61 -17.94
N LYS A 151 15.81 -12.87 -18.06
CA LYS A 151 16.68 -13.88 -18.64
C LYS A 151 17.01 -13.49 -20.07
N GLU A 152 15.98 -13.05 -20.79
CA GLU A 152 16.20 -12.66 -22.17
C GLU A 152 17.02 -11.40 -22.28
N VAL A 153 16.77 -10.42 -21.42
CA VAL A 153 17.53 -9.18 -21.47
C VAL A 153 19.03 -9.42 -21.26
N PHE A 154 19.37 -10.25 -20.28
CA PHE A 154 20.76 -10.50 -20.00
C PHE A 154 21.50 -11.39 -20.97
N THR A 155 20.84 -11.82 -22.04
CA THR A 155 21.55 -12.63 -23.02
C THR A 155 22.26 -11.69 -23.99
N PHE A 156 22.00 -10.38 -23.89
CA PHE A 156 22.64 -9.43 -24.78
C PHE A 156 23.01 -8.08 -24.15
N PHE A 157 22.28 -7.66 -23.12
CA PHE A 157 22.54 -6.36 -22.53
C PHE A 157 23.73 -6.40 -21.59
N THR A 158 24.78 -5.64 -21.89
CA THR A 158 25.97 -5.67 -21.04
C THR A 158 26.20 -4.37 -20.28
N LYS A 159 25.41 -3.34 -20.58
CA LYS A 159 25.59 -2.05 -19.92
C LYS A 159 24.85 -2.03 -18.55
N PRO A 160 25.13 -1.03 -17.70
CA PRO A 160 24.48 -0.96 -16.39
C PRO A 160 22.95 -0.85 -16.48
N LEU A 161 22.25 -1.76 -15.80
CA LEU A 161 20.80 -1.81 -15.80
C LEU A 161 20.23 -1.94 -14.37
N GLY A 162 19.20 -1.17 -14.08
CA GLY A 162 18.53 -1.23 -12.79
C GLY A 162 17.05 -1.43 -13.11
N VAL A 163 16.27 -1.91 -12.12
CA VAL A 163 14.83 -2.11 -12.32
C VAL A 163 14.00 -1.28 -11.31
N LYS A 164 12.96 -0.63 -11.80
CA LYS A 164 12.06 0.17 -10.95
C LYS A 164 10.93 -0.79 -10.58
N LEU A 165 10.79 -1.05 -9.29
CA LEU A 165 9.80 -2.01 -8.79
C LEU A 165 8.61 -1.42 -8.06
N PRO A 166 7.48 -2.12 -8.10
CA PRO A 166 6.26 -1.67 -7.42
C PRO A 166 6.46 -2.11 -5.95
N PRO A 167 5.69 -1.53 -5.02
CA PRO A 167 5.88 -1.97 -3.63
C PRO A 167 5.32 -3.37 -3.37
N TYR A 168 5.97 -4.13 -2.49
CA TYR A 168 5.51 -5.47 -2.13
C TYR A 168 5.04 -5.36 -0.69
N PHE A 169 4.11 -6.22 -0.29
CA PHE A 169 3.52 -6.15 1.06
C PHE A 169 3.54 -7.44 1.88
N ASP A 170 4.19 -8.47 1.37
CA ASP A 170 4.26 -9.75 2.07
C ASP A 170 5.72 -10.18 2.01
N LEU A 171 6.29 -10.58 3.15
CA LEU A 171 7.70 -10.97 3.19
C LEU A 171 8.06 -12.07 2.23
N VAL A 172 7.14 -12.98 1.97
CA VAL A 172 7.44 -14.07 1.04
C VAL A 172 7.68 -13.51 -0.37
N HIS A 173 7.01 -12.41 -0.70
CA HIS A 173 7.21 -11.82 -2.02
C HIS A 173 8.60 -11.26 -2.11
N PHE A 174 9.12 -10.70 -1.02
CA PHE A 174 10.48 -10.18 -1.05
C PHE A 174 11.45 -11.34 -1.25
N ASP A 175 11.15 -12.48 -0.61
CA ASP A 175 12.00 -13.66 -0.74
C ASP A 175 12.02 -14.17 -2.18
N ILE A 176 10.85 -14.29 -2.78
CA ILE A 176 10.75 -14.77 -4.15
C ILE A 176 11.45 -13.80 -5.12
N MET A 177 11.22 -12.49 -4.96
CA MET A 177 11.83 -11.50 -5.84
C MET A 177 13.35 -11.43 -5.70
N ALA A 178 13.84 -11.43 -4.47
CA ALA A 178 15.26 -11.35 -4.23
C ALA A 178 15.98 -12.54 -4.88
N GLU A 179 15.35 -13.70 -4.80
CA GLU A 179 15.94 -14.89 -5.38
C GLU A 179 15.95 -14.80 -6.89
N ILE A 180 14.91 -14.20 -7.50
CA ILE A 180 14.89 -14.05 -8.95
C ILE A 180 15.97 -13.04 -9.37
N LEU A 181 16.04 -11.92 -8.67
CA LEU A 181 16.99 -10.86 -9.00
C LEU A 181 18.47 -11.21 -8.76
N ASN A 182 18.74 -11.95 -7.69
CA ASN A 182 20.10 -12.33 -7.33
C ASN A 182 20.83 -13.17 -8.36
N GLN A 183 20.09 -13.78 -9.28
CA GLN A 183 20.75 -14.58 -10.29
C GLN A 183 21.26 -13.78 -11.50
N PHE A 184 21.05 -12.46 -11.50
CA PHE A 184 21.44 -11.65 -12.63
C PHE A 184 22.48 -10.60 -12.28
N PRO A 185 23.27 -10.15 -13.27
CA PRO A 185 24.28 -9.12 -13.00
C PRO A 185 23.62 -7.73 -13.01
N LEU A 186 22.57 -7.55 -12.24
CA LEU A 186 21.86 -6.26 -12.18
C LEU A 186 22.70 -5.25 -11.45
N THR A 187 22.60 -3.98 -11.85
CA THR A 187 23.32 -2.91 -11.19
C THR A 187 22.59 -2.42 -9.94
N TYR A 188 21.26 -2.36 -10.00
CA TYR A 188 20.50 -1.91 -8.86
C TYR A 188 19.00 -2.17 -8.97
N VAL A 189 18.30 -1.95 -7.87
CA VAL A 189 16.84 -2.04 -7.86
C VAL A 189 16.43 -0.72 -7.23
N ASN A 190 15.35 -0.17 -7.75
CA ASN A 190 14.83 1.11 -7.26
C ASN A 190 13.44 0.83 -6.68
N SER A 191 13.30 1.00 -5.37
CA SER A 191 12.02 0.81 -4.68
C SER A 191 11.70 2.16 -4.07
N VAL A 192 10.48 2.68 -4.27
CA VAL A 192 9.39 2.03 -5.01
C VAL A 192 8.69 3.00 -5.97
N ASN A 193 7.92 2.41 -6.90
CA ASN A 193 7.08 3.20 -7.80
C ASN A 193 5.85 3.56 -6.91
N SER A 194 4.93 4.38 -7.41
CA SER A 194 3.79 4.77 -6.59
C SER A 194 2.92 3.60 -6.18
N ILE A 195 2.23 3.71 -5.05
CA ILE A 195 1.33 2.64 -4.63
C ILE A 195 0.18 2.62 -5.64
N GLY A 196 0.02 1.51 -6.32
CA GLY A 196 -0.98 1.41 -7.35
C GLY A 196 -2.45 1.46 -7.03
N ASN A 197 -3.18 2.13 -7.91
CA ASN A 197 -4.63 2.19 -7.87
C ASN A 197 -5.33 2.57 -6.57
N GLY A 198 -4.96 3.72 -6.02
CA GLY A 198 -5.61 4.24 -4.84
C GLY A 198 -6.75 5.12 -5.38
N LEU A 199 -7.51 5.72 -4.49
CA LEU A 199 -8.63 6.55 -4.93
C LEU A 199 -8.73 7.74 -4.01
N PHE A 200 -8.93 8.93 -4.56
CA PHE A 200 -9.12 10.10 -3.72
C PHE A 200 -10.45 10.70 -4.13
N ILE A 201 -11.20 11.18 -3.15
CA ILE A 201 -12.54 11.69 -3.40
C ILE A 201 -12.80 13.10 -2.95
N ASP A 202 -13.52 13.86 -3.77
CA ASP A 202 -13.93 15.22 -3.38
C ASP A 202 -15.35 14.99 -2.79
N PRO A 203 -15.48 15.04 -1.46
CA PRO A 203 -16.78 14.81 -0.82
C PRO A 203 -17.88 15.82 -1.18
N GLU A 204 -17.51 17.08 -1.40
CA GLU A 204 -18.51 18.07 -1.76
C GLU A 204 -19.12 17.77 -3.11
N ALA A 205 -18.29 17.48 -4.09
CA ALA A 205 -18.76 17.18 -5.43
C ALA A 205 -19.19 15.74 -5.54
N GLU A 206 -18.85 14.93 -4.54
CA GLU A 206 -19.18 13.49 -4.54
C GLU A 206 -18.63 12.77 -5.76
N SER A 207 -17.40 13.11 -6.14
CA SER A 207 -16.78 12.49 -7.31
C SER A 207 -15.28 12.31 -7.14
N VAL A 208 -14.70 11.54 -8.05
CA VAL A 208 -13.26 11.29 -8.04
C VAL A 208 -12.59 12.58 -8.52
N VAL A 209 -11.27 12.67 -8.35
CA VAL A 209 -10.55 13.88 -8.74
C VAL A 209 -9.71 13.77 -9.99
N ILE A 210 -9.58 12.57 -10.57
CA ILE A 210 -8.84 12.44 -11.83
C ILE A 210 -9.74 11.75 -12.83
N LYS A 211 -9.58 12.12 -14.08
CA LYS A 211 -10.39 11.58 -15.16
C LYS A 211 -10.14 10.15 -15.62
N PRO A 212 -8.88 9.73 -15.81
CA PRO A 212 -8.64 8.36 -16.27
C PRO A 212 -9.06 7.24 -15.30
N LYS A 213 -9.37 6.07 -15.84
CA LYS A 213 -9.72 4.88 -15.06
C LYS A 213 -10.68 5.08 -13.88
N ASP A 214 -11.70 5.88 -14.09
CA ASP A 214 -12.71 6.11 -13.07
C ASP A 214 -12.15 6.66 -11.77
N GLY A 215 -11.02 7.34 -11.86
CA GLY A 215 -10.44 7.94 -10.68
C GLY A 215 -9.31 7.20 -9.96
N PHE A 216 -9.03 5.97 -10.37
CA PHE A 216 -7.95 5.18 -9.75
C PHE A 216 -6.58 5.64 -10.27
N GLY A 217 -5.64 5.94 -9.35
CA GLY A 217 -4.33 6.40 -9.76
C GLY A 217 -3.26 6.05 -8.74
N GLY A 218 -2.00 6.23 -9.13
CA GLY A 218 -0.90 5.93 -8.25
C GLY A 218 -0.75 6.94 -7.14
N ILE A 219 -0.46 6.46 -5.94
CA ILE A 219 -0.30 7.33 -4.78
C ILE A 219 1.18 7.57 -4.43
N GLY A 220 1.54 8.80 -4.14
CA GLY A 220 2.93 9.09 -3.78
C GLY A 220 2.92 10.10 -2.65
N GLY A 221 4.09 10.42 -2.12
CA GLY A 221 4.16 11.39 -1.03
C GLY A 221 4.17 10.77 0.36
N ALA A 222 3.76 11.55 1.36
CA ALA A 222 3.77 11.11 2.76
C ALA A 222 3.02 9.81 3.00
N TYR A 223 1.93 9.61 2.25
CA TYR A 223 1.15 8.40 2.40
C TYR A 223 2.00 7.14 2.29
N ILE A 224 2.98 7.16 1.39
CA ILE A 224 3.74 5.95 1.13
C ILE A 224 5.08 5.72 1.82
N LYS A 225 5.52 6.64 2.65
CA LYS A 225 6.83 6.44 3.26
C LYS A 225 7.04 5.12 4.02
N PRO A 226 6.07 4.71 4.88
CA PRO A 226 6.26 3.44 5.61
C PRO A 226 6.49 2.25 4.68
N THR A 227 5.75 2.21 3.57
CA THR A 227 5.88 1.12 2.58
C THR A 227 7.21 1.23 1.83
N ALA A 228 7.61 2.46 1.49
CA ALA A 228 8.85 2.71 0.75
C ALA A 228 10.05 2.24 1.58
N LEU A 229 10.11 2.68 2.83
CA LEU A 229 11.22 2.29 3.73
C LEU A 229 11.29 0.77 3.92
N ALA A 230 10.13 0.13 4.05
CA ALA A 230 10.07 -1.32 4.24
C ALA A 230 10.64 -2.03 3.02
N ASN A 231 10.29 -1.53 1.84
CA ASN A 231 10.77 -2.15 0.60
C ASN A 231 12.27 -2.01 0.41
N VAL A 232 12.80 -0.83 0.72
CA VAL A 232 14.23 -0.60 0.64
C VAL A 232 14.94 -1.53 1.64
N ARG A 233 14.48 -1.54 2.89
CA ARG A 233 15.08 -2.38 3.93
C ARG A 233 14.97 -3.88 3.65
N ALA A 234 13.82 -4.33 3.19
CA ALA A 234 13.62 -5.75 2.92
C ALA A 234 14.54 -6.25 1.82
N PHE A 235 14.77 -5.41 0.80
CA PHE A 235 15.66 -5.81 -0.30
C PHE A 235 17.12 -5.67 0.10
N TYR A 236 17.42 -4.67 0.91
CA TYR A 236 18.78 -4.48 1.37
C TYR A 236 19.29 -5.71 2.12
N THR A 237 18.44 -6.35 2.90
CA THR A 237 18.88 -7.51 3.64
C THR A 237 18.80 -8.82 2.86
N ARG A 238 18.27 -8.80 1.63
CA ARG A 238 18.15 -10.03 0.83
C ARG A 238 18.96 -10.06 -0.46
N LEU A 239 19.32 -8.90 -0.98
CA LEU A 239 20.03 -8.89 -2.25
C LEU A 239 21.52 -9.06 -2.07
N LYS A 240 22.17 -9.68 -3.04
CA LYS A 240 23.61 -9.83 -2.98
C LYS A 240 24.18 -8.39 -2.97
N PRO A 241 25.24 -8.15 -2.20
CA PRO A 241 25.82 -6.81 -2.14
C PRO A 241 26.20 -6.14 -3.46
N GLU A 242 26.39 -6.91 -4.53
CA GLU A 242 26.74 -6.32 -5.83
C GLU A 242 25.60 -5.47 -6.37
N ILE A 243 24.37 -5.75 -5.95
CA ILE A 243 23.20 -4.99 -6.43
C ILE A 243 22.86 -3.89 -5.43
N GLN A 244 23.07 -2.63 -5.81
CA GLN A 244 22.77 -1.54 -4.89
C GLN A 244 21.30 -1.15 -4.97
N ILE A 245 20.90 -0.21 -4.14
CA ILE A 245 19.50 0.18 -4.07
C ILE A 245 19.27 1.67 -4.18
N ILE A 246 18.25 2.03 -4.95
CA ILE A 246 17.87 3.43 -5.01
C ILE A 246 16.55 3.48 -4.21
N GLY A 247 16.48 4.37 -3.22
CA GLY A 247 15.27 4.48 -2.44
C GLY A 247 14.42 5.65 -2.94
N THR A 248 13.15 5.37 -3.24
CA THR A 248 12.21 6.38 -3.72
C THR A 248 10.88 6.24 -2.96
N GLY A 249 10.33 7.35 -2.48
CA GLY A 249 9.05 7.28 -1.81
C GLY A 249 8.94 8.11 -0.54
N GLY A 250 8.08 9.12 -0.58
CA GLY A 250 7.87 9.92 0.59
C GLY A 250 9.02 10.78 1.08
N ILE A 251 9.99 11.08 0.22
CA ILE A 251 11.09 11.93 0.68
C ILE A 251 10.78 13.41 0.47
N GLU A 252 10.76 14.18 1.54
CA GLU A 252 10.54 15.60 1.40
C GLU A 252 11.37 16.45 2.34
N THR A 253 12.01 15.83 3.33
CA THR A 253 12.90 16.55 4.24
C THR A 253 14.21 15.76 4.36
N GLY A 254 15.24 16.38 4.95
CA GLY A 254 16.50 15.70 5.14
C GLY A 254 16.32 14.47 6.02
N GLN A 255 15.38 14.54 6.95
CA GLN A 255 15.11 13.43 7.85
C GLN A 255 14.59 12.23 7.09
N ASP A 256 13.69 12.46 6.13
CA ASP A 256 13.16 11.37 5.31
C ASP A 256 14.32 10.72 4.55
N ALA A 257 15.23 11.56 4.06
CA ALA A 257 16.41 11.10 3.32
C ALA A 257 17.28 10.24 4.22
N PHE A 258 17.49 10.74 5.43
CA PHE A 258 18.28 10.04 6.44
C PHE A 258 17.72 8.63 6.71
N GLU A 259 16.40 8.52 6.85
CA GLU A 259 15.75 7.24 7.10
C GLU A 259 15.98 6.25 5.97
N HIS A 260 15.87 6.70 4.73
CA HIS A 260 16.11 5.81 3.58
C HIS A 260 17.57 5.29 3.57
N LEU A 261 18.52 6.17 3.86
CA LEU A 261 19.94 5.81 3.85
C LEU A 261 20.22 4.80 4.98
N LEU A 262 19.61 5.04 6.14
CA LEU A 262 19.74 4.16 7.30
C LEU A 262 19.22 2.75 6.94
N CYS A 263 18.17 2.69 6.12
CA CYS A 263 17.64 1.40 5.70
C CYS A 263 18.56 0.69 4.71
N GLY A 264 19.39 1.47 4.01
CA GLY A 264 20.27 0.84 3.03
C GLY A 264 20.24 1.37 1.60
N ALA A 265 19.48 2.44 1.35
CA ALA A 265 19.44 3.02 -0.01
C ALA A 265 20.79 3.77 -0.25
N THR A 266 21.27 3.79 -1.49
CA THR A 266 22.52 4.50 -1.83
C THR A 266 22.18 5.84 -2.51
N MET A 267 21.35 5.78 -3.57
CA MET A 267 20.88 7.00 -4.25
C MET A 267 19.43 7.18 -3.79
N LEU A 268 18.94 8.41 -3.84
CA LEU A 268 17.57 8.77 -3.40
C LEU A 268 16.85 9.53 -4.50
N GLN A 269 15.59 9.18 -4.77
CA GLN A 269 14.82 9.91 -5.78
C GLN A 269 13.65 10.63 -5.16
N ILE A 270 13.42 11.87 -5.59
CA ILE A 270 12.31 12.68 -5.07
C ILE A 270 11.27 12.91 -6.16
N GLY A 271 10.03 12.49 -5.89
CA GLY A 271 8.97 12.64 -6.87
C GLY A 271 8.00 13.77 -6.54
N THR A 272 6.98 13.42 -5.76
CA THR A 272 5.94 14.35 -5.35
C THR A 272 6.43 15.66 -4.82
N ALA A 273 7.37 15.64 -3.88
CA ALA A 273 7.89 16.87 -3.31
C ALA A 273 8.59 17.77 -4.36
N LEU A 274 9.26 17.16 -5.33
CA LEU A 274 9.94 17.92 -6.38
C LEU A 274 8.89 18.54 -7.29
N HIS A 275 7.83 17.78 -7.58
CA HIS A 275 6.75 18.27 -8.42
C HIS A 275 6.11 19.51 -7.76
N LYS A 276 5.99 19.50 -6.43
CA LYS A 276 5.41 20.63 -5.72
C LYS A 276 6.36 21.79 -5.54
N GLU A 277 7.62 21.50 -5.28
CA GLU A 277 8.57 22.56 -4.98
C GLU A 277 9.47 23.06 -6.10
N GLY A 278 9.73 22.23 -7.11
CA GLY A 278 10.63 22.66 -8.17
C GLY A 278 12.04 22.25 -7.79
N PRO A 279 13.01 22.40 -8.70
CA PRO A 279 14.42 22.04 -8.48
C PRO A 279 15.13 22.65 -7.26
N ALA A 280 14.54 23.68 -6.67
CA ALA A 280 15.13 24.31 -5.50
C ALA A 280 15.11 23.35 -4.31
N ILE A 281 14.27 22.32 -4.39
CA ILE A 281 14.17 21.37 -3.30
C ILE A 281 15.53 20.73 -2.99
N PHE A 282 16.33 20.47 -4.02
CA PHE A 282 17.62 19.81 -3.83
C PHE A 282 18.52 20.59 -2.94
N ASP A 283 18.54 21.89 -3.15
CA ASP A 283 19.34 22.76 -2.34
C ASP A 283 18.90 22.69 -0.88
N ARG A 284 17.60 22.65 -0.65
CA ARG A 284 17.06 22.62 0.70
C ARG A 284 17.34 21.31 1.44
N ILE A 285 17.00 20.22 0.79
CA ILE A 285 17.15 18.90 1.38
C ILE A 285 18.62 18.49 1.66
N ILE A 286 19.56 19.00 0.86
CA ILE A 286 20.98 18.71 1.06
C ILE A 286 21.39 19.39 2.37
N LYS A 287 20.95 20.63 2.55
CA LYS A 287 21.27 21.35 3.78
C LYS A 287 20.66 20.67 5.00
N GLU A 288 19.43 20.18 4.84
CA GLU A 288 18.76 19.50 5.95
C GLU A 288 19.49 18.21 6.34
N LEU A 289 19.90 17.42 5.34
CA LEU A 289 20.61 16.17 5.64
C LEU A 289 21.97 16.45 6.31
N GLU A 290 22.71 17.43 5.79
CA GLU A 290 24.00 17.75 6.37
C GLU A 290 23.86 18.22 7.80
N GLU A 291 22.77 18.92 8.09
CA GLU A 291 22.53 19.40 9.42
C GLU A 291 22.33 18.22 10.38
N ILE A 292 21.57 17.24 9.93
CA ILE A 292 21.31 16.05 10.73
C ILE A 292 22.64 15.35 10.99
N MET A 293 23.43 15.17 9.93
CA MET A 293 24.73 14.51 10.06
C MET A 293 25.67 15.25 11.00
N ASN A 294 25.63 16.59 10.96
CA ASN A 294 26.47 17.40 11.83
C ASN A 294 26.12 17.19 13.30
N GLN A 295 24.83 17.23 13.60
CA GLN A 295 24.37 17.03 14.97
C GLN A 295 24.76 15.67 15.53
N LYS A 296 24.80 14.67 14.68
CA LYS A 296 25.17 13.31 15.09
C LYS A 296 26.68 13.05 15.00
N GLY A 297 27.43 14.03 14.48
CA GLY A 297 28.87 13.85 14.34
C GLY A 297 29.26 12.92 13.20
N TYR A 298 28.42 12.82 12.18
CA TYR A 298 28.71 11.99 11.02
C TYR A 298 29.35 12.86 9.94
N GLN A 299 30.39 12.37 9.30
CA GLN A 299 31.07 13.13 8.25
C GLN A 299 30.89 12.55 6.86
N SER A 300 30.34 11.35 6.79
CA SER A 300 30.07 10.75 5.51
C SER A 300 28.91 9.77 5.64
N ILE A 301 28.23 9.51 4.54
CA ILE A 301 27.09 8.60 4.54
C ILE A 301 27.49 7.18 4.97
N ALA A 302 28.75 6.80 4.76
CA ALA A 302 29.24 5.48 5.15
C ALA A 302 29.18 5.27 6.68
N ASP A 303 29.16 6.35 7.45
CA ASP A 303 29.07 6.26 8.91
C ASP A 303 27.79 5.58 9.42
N PHE A 304 26.69 5.74 8.70
CA PHE A 304 25.43 5.16 9.15
C PHE A 304 24.66 4.41 8.08
N HIS A 305 25.21 4.36 6.86
CA HIS A 305 24.51 3.68 5.79
C HIS A 305 24.13 2.25 6.15
N GLY A 306 22.85 1.92 5.98
CA GLY A 306 22.35 0.59 6.26
C GLY A 306 22.37 0.12 7.71
N LYS A 307 22.72 1.03 8.62
CA LYS A 307 22.83 0.69 10.03
C LYS A 307 21.59 0.82 10.91
N LEU A 308 20.40 0.60 10.34
CA LEU A 308 19.15 0.68 11.08
C LEU A 308 19.19 -0.39 12.19
N LYS A 309 18.91 0.00 13.42
CA LYS A 309 18.92 -0.96 14.55
C LYS A 309 17.56 -1.58 14.80
N SER A 310 17.58 -2.84 15.19
CA SER A 310 16.37 -3.58 15.57
C SER A 310 16.27 -3.44 17.09
N LEU A 311 15.10 -3.71 17.63
CA LEU A 311 14.92 -3.64 19.08
C LEU A 311 15.19 -5.02 19.67
N MET B 1 -31.23 8.73 11.19
CA MET B 1 -31.19 8.64 9.72
C MET B 1 -30.13 7.67 9.18
N LEU B 2 -29.41 7.01 10.09
CA LEU B 2 -28.35 6.08 9.72
C LEU B 2 -28.77 4.62 9.75
N ASN B 3 -30.08 4.40 9.85
CA ASN B 3 -30.60 3.03 9.87
C ASN B 3 -30.03 2.30 8.65
N THR B 4 -29.56 1.06 8.89
CA THR B 4 -28.92 0.26 7.86
C THR B 4 -29.42 -1.18 7.85
N THR B 5 -29.48 -1.78 6.66
CA THR B 5 -29.88 -3.17 6.53
C THR B 5 -28.66 -3.88 5.96
N PHE B 6 -28.18 -4.90 6.67
CA PHE B 6 -26.97 -5.63 6.26
C PHE B 6 -27.16 -7.08 6.64
N ALA B 7 -26.87 -7.99 5.71
CA ALA B 7 -27.02 -9.42 5.95
C ALA B 7 -28.43 -9.72 6.52
N ASN B 8 -29.43 -9.05 5.97
CA ASN B 8 -30.82 -9.22 6.40
C ASN B 8 -31.09 -8.88 7.85
N ALA B 9 -30.25 -8.05 8.44
CA ALA B 9 -30.46 -7.63 9.80
C ALA B 9 -30.54 -6.11 9.73
N LYS B 10 -31.22 -5.51 10.70
CA LYS B 10 -31.32 -4.07 10.74
C LYS B 10 -30.43 -3.56 11.84
N PHE B 11 -29.66 -2.51 11.56
CA PHE B 11 -28.77 -1.92 12.54
C PHE B 11 -29.13 -0.44 12.68
N ALA B 12 -28.94 0.10 13.87
CA ALA B 12 -29.23 1.50 14.15
C ALA B 12 -28.37 2.47 13.34
N ASN B 13 -27.13 2.07 13.08
CA ASN B 13 -26.18 2.88 12.30
C ASN B 13 -25.16 1.88 11.73
N PRO B 14 -24.36 2.30 10.72
CA PRO B 14 -23.40 1.37 10.13
C PRO B 14 -22.05 1.20 10.83
N PHE B 15 -21.83 1.91 11.94
CA PHE B 15 -20.54 1.84 12.62
C PHE B 15 -20.28 0.64 13.53
N MET B 16 -19.05 0.13 13.42
CA MET B 16 -18.55 -0.99 14.23
C MET B 16 -17.09 -0.72 14.56
N ASN B 17 -16.54 -1.51 15.49
CA ASN B 17 -15.11 -1.42 15.81
C ASN B 17 -14.51 -2.36 14.74
N ALA B 18 -13.23 -2.18 14.43
CA ALA B 18 -12.57 -3.08 13.48
C ALA B 18 -12.07 -4.24 14.35
N SER B 19 -12.01 -5.46 13.83
CA SER B 19 -11.53 -6.57 14.64
C SER B 19 -10.12 -6.31 15.15
N GLY B 20 -9.90 -6.60 16.43
CA GLY B 20 -8.60 -6.40 17.03
C GLY B 20 -8.49 -5.13 17.85
N VAL B 21 -9.44 -4.21 17.72
CA VAL B 21 -9.36 -2.98 18.48
C VAL B 21 -10.52 -2.95 19.48
N HIS B 22 -10.18 -2.82 20.76
CA HIS B 22 -11.17 -2.75 21.84
C HIS B 22 -12.14 -3.93 21.91
N CYS B 23 -11.64 -5.15 21.72
CA CYS B 23 -12.53 -6.31 21.69
C CYS B 23 -11.80 -7.61 22.07
N MET B 24 -10.80 -7.49 22.94
CA MET B 24 -10.01 -8.65 23.36
C MET B 24 -10.66 -9.49 24.49
N THR B 25 -11.21 -8.80 25.48
CA THR B 25 -11.86 -9.43 26.64
C THR B 25 -13.36 -9.12 26.67
N ILE B 26 -14.10 -9.87 27.49
CA ILE B 26 -15.53 -9.66 27.67
C ILE B 26 -15.78 -8.23 28.14
N GLU B 27 -14.90 -7.70 28.98
CA GLU B 27 -15.00 -6.33 29.47
C GLU B 27 -14.95 -5.31 28.31
N ASP B 28 -14.03 -5.52 27.35
CA ASP B 28 -13.92 -4.64 26.19
C ASP B 28 -15.23 -4.71 25.40
N LEU B 29 -15.68 -5.94 25.13
CA LEU B 29 -16.90 -6.20 24.37
C LEU B 29 -18.13 -5.57 25.00
N GLU B 30 -18.21 -5.62 26.33
CA GLU B 30 -19.34 -5.04 27.05
C GLU B 30 -19.29 -3.52 26.86
N GLU B 31 -18.09 -2.96 26.84
CA GLU B 31 -17.97 -1.52 26.61
C GLU B 31 -18.47 -1.16 25.22
N LEU B 32 -18.20 -2.03 24.24
CA LEU B 32 -18.67 -1.78 22.88
C LEU B 32 -20.20 -1.89 22.84
N LYS B 33 -20.76 -2.87 23.54
CA LYS B 33 -22.20 -3.06 23.59
C LYS B 33 -22.87 -1.81 24.18
N ALA B 34 -22.24 -1.22 25.16
CA ALA B 34 -22.77 -0.03 25.81
C ALA B 34 -22.57 1.28 25.02
N SER B 35 -21.71 1.26 24.00
CA SER B 35 -21.45 2.47 23.22
C SER B 35 -22.51 2.69 22.14
N GLN B 36 -22.32 3.72 21.32
CA GLN B 36 -23.27 4.00 20.26
C GLN B 36 -22.99 3.21 18.98
N ALA B 37 -22.04 2.29 19.04
CA ALA B 37 -21.70 1.50 17.86
C ALA B 37 -22.93 0.72 17.39
N GLY B 38 -23.16 0.67 16.08
CA GLY B 38 -24.29 -0.05 15.57
C GLY B 38 -24.14 -1.55 15.72
N ALA B 39 -22.90 -2.04 15.76
CA ALA B 39 -22.65 -3.47 15.90
C ALA B 39 -21.21 -3.63 16.34
N TYR B 40 -20.81 -4.83 16.71
CA TYR B 40 -19.42 -5.02 17.13
C TYR B 40 -18.89 -6.37 16.77
N ILE B 41 -17.56 -6.47 16.70
CA ILE B 41 -16.90 -7.71 16.31
C ILE B 41 -15.81 -8.07 17.30
N THR B 42 -15.59 -9.38 17.49
CA THR B 42 -14.59 -9.85 18.44
C THR B 42 -13.20 -9.86 17.81
N LYS B 43 -12.19 -9.96 18.67
CA LYS B 43 -10.79 -10.06 18.22
C LYS B 43 -10.68 -11.39 17.46
N SER B 44 -9.94 -11.41 16.35
CA SER B 44 -9.77 -12.66 15.60
C SER B 44 -9.22 -13.72 16.57
N SER B 45 -9.84 -14.91 16.61
CA SER B 45 -9.37 -15.94 17.51
C SER B 45 -8.77 -17.16 16.85
N THR B 46 -8.04 -17.91 17.65
CA THR B 46 -7.40 -19.16 17.22
C THR B 46 -7.92 -20.23 18.17
N LEU B 47 -7.67 -21.49 17.82
CA LEU B 47 -8.10 -22.60 18.68
C LEU B 47 -7.47 -22.48 20.05
N GLU B 48 -6.18 -22.16 20.12
CA GLU B 48 -5.51 -22.00 21.41
C GLU B 48 -5.36 -20.53 21.77
N LYS B 49 -5.32 -20.26 23.07
CA LYS B 49 -5.10 -18.92 23.62
C LYS B 49 -3.68 -18.51 23.15
N ARG B 50 -3.48 -17.23 22.82
CA ARG B 50 -2.18 -16.74 22.36
C ARG B 50 -1.81 -15.48 23.05
N GLU B 51 -0.55 -15.39 23.46
CA GLU B 51 -0.01 -14.21 24.13
C GLU B 51 0.37 -13.13 23.10
N GLY B 52 0.61 -13.55 21.86
CA GLY B 52 0.98 -12.61 20.81
C GLY B 52 2.48 -12.37 20.76
N ASN B 53 2.90 -11.36 20.00
CA ASN B 53 4.32 -11.01 19.84
C ASN B 53 4.83 -10.21 21.00
N PRO B 54 6.16 -10.12 21.17
CA PRO B 54 6.78 -9.36 22.26
C PRO B 54 6.57 -7.87 22.11
N LEU B 55 6.64 -7.14 23.22
CA LEU B 55 6.43 -5.69 23.23
C LEU B 55 7.74 -4.95 22.98
N PRO B 56 7.68 -3.72 22.45
CA PRO B 56 6.45 -3.01 22.06
C PRO B 56 5.98 -3.56 20.72
N ARG B 57 4.67 -3.67 20.52
CA ARG B 57 4.14 -4.22 19.27
C ARG B 57 3.06 -3.34 18.62
N TYR B 58 2.82 -2.18 19.21
CA TYR B 58 1.85 -1.23 18.67
C TYR B 58 2.33 0.18 19.00
N VAL B 59 2.33 1.06 18.00
CA VAL B 59 2.76 2.44 18.22
C VAL B 59 1.82 3.42 17.51
N ASP B 60 1.40 4.48 18.21
CA ASP B 60 0.54 5.51 17.62
C ASP B 60 1.45 6.41 16.80
N LEU B 61 1.08 6.65 15.55
CA LEU B 61 1.88 7.51 14.69
C LEU B 61 1.06 8.74 14.38
N GLU B 62 1.72 9.83 14.04
CA GLU B 62 1.03 11.06 13.72
C GLU B 62 0.00 10.83 12.60
N LEU B 63 0.32 9.96 11.64
CA LEU B 63 -0.61 9.73 10.54
C LEU B 63 -1.31 8.38 10.57
N GLY B 64 -1.29 7.71 11.72
CA GLY B 64 -1.94 6.41 11.81
C GLY B 64 -1.40 5.53 12.90
N SER B 65 -1.04 4.31 12.55
CA SER B 65 -0.51 3.39 13.53
C SER B 65 0.26 2.28 12.82
N ILE B 66 1.10 1.59 13.58
CA ILE B 66 1.84 0.45 13.05
C ILE B 66 1.70 -0.59 14.16
N ASN B 67 1.47 -1.85 13.78
CA ASN B 67 1.33 -2.87 14.80
C ASN B 67 1.76 -4.22 14.28
N SER B 68 2.20 -5.06 15.20
CA SER B 68 2.53 -6.44 14.89
C SER B 68 2.11 -7.19 16.15
N MET B 69 0.80 -7.19 16.42
CA MET B 69 0.25 -7.83 17.62
C MET B 69 0.55 -9.32 17.69
N GLY B 70 0.46 -10.01 16.57
CA GLY B 70 0.71 -11.44 16.57
C GLY B 70 -0.47 -12.27 17.04
N LEU B 71 -1.67 -11.76 16.81
CA LEU B 71 -2.93 -12.41 17.17
C LEU B 71 -3.12 -12.80 18.64
N PRO B 72 -2.85 -11.84 19.56
CA PRO B 72 -3.04 -12.22 20.95
C PRO B 72 -4.56 -12.32 21.14
N ASN B 73 -5.03 -13.43 21.71
CA ASN B 73 -6.47 -13.58 21.92
C ASN B 73 -6.71 -14.64 22.99
N LEU B 74 -7.90 -14.62 23.59
CA LEU B 74 -8.21 -15.56 24.65
C LEU B 74 -8.69 -16.95 24.24
N GLY B 75 -8.59 -17.27 22.95
CA GLY B 75 -8.99 -18.59 22.46
C GLY B 75 -10.42 -18.67 21.96
N PHE B 76 -10.64 -19.51 20.96
CA PHE B 76 -11.95 -19.70 20.35
C PHE B 76 -13.11 -19.96 21.34
N ASP B 77 -12.93 -20.90 22.26
CA ASP B 77 -13.97 -21.22 23.25
C ASP B 77 -14.43 -20.06 24.10
N TYR B 78 -13.48 -19.22 24.52
CA TYR B 78 -13.80 -18.06 25.32
C TYR B 78 -14.79 -17.15 24.60
N TYR B 79 -14.50 -16.84 23.33
CA TYR B 79 -15.37 -15.97 22.54
C TYR B 79 -16.72 -16.65 22.21
N LEU B 80 -16.68 -17.94 21.89
CA LEU B 80 -17.92 -18.67 21.58
C LEU B 80 -18.87 -18.68 22.78
N ASP B 81 -18.37 -18.98 23.98
CA ASP B 81 -19.25 -19.00 25.16
C ASP B 81 -19.87 -17.64 25.40
N TYR B 82 -19.07 -16.59 25.23
CA TYR B 82 -19.56 -15.26 25.44
C TYR B 82 -20.70 -14.90 24.45
N VAL B 83 -20.52 -15.15 23.15
CA VAL B 83 -21.56 -14.81 22.19
C VAL B 83 -22.82 -15.66 22.40
N LEU B 84 -22.64 -16.92 22.80
CA LEU B 84 -23.79 -17.80 23.05
C LEU B 84 -24.60 -17.31 24.24
N LYS B 85 -23.92 -16.92 25.32
CA LYS B 85 -24.58 -16.40 26.52
C LYS B 85 -25.33 -15.12 26.15
N ASN B 86 -24.69 -14.32 25.32
CA ASN B 86 -25.26 -13.05 24.91
C ASN B 86 -26.47 -13.20 24.03
N GLN B 87 -26.54 -14.30 23.28
CA GLN B 87 -27.68 -14.54 22.42
C GLN B 87 -28.96 -14.74 23.24
N LYS B 88 -28.82 -15.42 24.39
CA LYS B 88 -29.96 -15.69 25.27
C LYS B 88 -30.58 -14.39 25.79
N GLU B 89 -29.74 -13.45 26.21
CA GLU B 89 -30.26 -12.18 26.69
C GLU B 89 -30.44 -11.27 25.49
N ASN B 90 -31.66 -11.18 24.96
CA ASN B 90 -31.90 -10.31 23.80
C ASN B 90 -31.91 -8.84 24.21
N ALA B 91 -30.74 -8.36 24.64
CA ALA B 91 -30.55 -6.99 25.08
C ALA B 91 -29.76 -6.21 24.03
N GLN B 92 -29.90 -6.63 22.77
CA GLN B 92 -29.19 -5.99 21.66
C GLN B 92 -29.88 -6.37 20.35
N GLU B 93 -30.16 -5.34 19.56
CA GLU B 93 -30.81 -5.51 18.26
C GLU B 93 -29.71 -5.65 17.21
N GLY B 94 -29.73 -6.77 16.49
CA GLY B 94 -28.71 -7.01 15.51
C GLY B 94 -27.73 -8.03 16.03
N PRO B 95 -27.28 -8.93 15.16
CA PRO B 95 -26.32 -9.97 15.52
C PRO B 95 -24.93 -9.43 15.88
N ILE B 96 -24.16 -10.26 16.57
CA ILE B 96 -22.82 -9.89 16.98
C ILE B 96 -21.92 -10.56 15.91
N PHE B 97 -20.78 -9.95 15.58
CA PHE B 97 -19.86 -10.53 14.58
C PHE B 97 -18.75 -11.27 15.30
N PHE B 98 -18.36 -12.42 14.76
CA PHE B 98 -17.34 -13.28 15.38
C PHE B 98 -16.20 -13.47 14.41
N SER B 99 -15.01 -13.00 14.75
CA SER B 99 -13.88 -13.15 13.84
C SER B 99 -12.95 -14.32 14.17
N ILE B 100 -12.57 -15.09 13.15
CA ILE B 100 -11.64 -16.20 13.34
C ILE B 100 -10.44 -16.06 12.40
N ALA B 101 -9.25 -16.42 12.88
CA ALA B 101 -8.05 -16.34 12.08
C ALA B 101 -7.14 -17.52 12.39
N GLY B 102 -7.53 -18.71 11.91
CA GLY B 102 -6.72 -19.90 12.14
C GLY B 102 -5.37 -19.76 11.46
N MET B 103 -4.34 -20.36 12.06
CA MET B 103 -2.98 -20.33 11.53
C MET B 103 -2.82 -21.27 10.31
N SER B 104 -3.83 -22.07 10.01
CA SER B 104 -3.75 -22.98 8.87
C SER B 104 -5.17 -23.22 8.40
N ALA B 105 -5.31 -23.76 7.19
CA ALA B 105 -6.63 -24.07 6.63
C ALA B 105 -7.35 -25.03 7.58
N ALA B 106 -6.61 -26.03 8.07
CA ALA B 106 -7.18 -27.03 8.98
C ALA B 106 -7.81 -26.36 10.21
N GLU B 107 -7.08 -25.41 10.79
CA GLU B 107 -7.57 -24.74 11.99
C GLU B 107 -8.83 -23.92 11.70
N ASN B 108 -8.90 -23.32 10.51
CA ASN B 108 -10.06 -22.53 10.14
C ASN B 108 -11.29 -23.40 9.95
N ILE B 109 -11.13 -24.53 9.28
CA ILE B 109 -12.24 -25.43 9.06
C ILE B 109 -12.75 -25.99 10.38
N ALA B 110 -11.84 -26.30 11.28
CA ALA B 110 -12.20 -26.82 12.60
C ALA B 110 -13.05 -25.80 13.35
N MET B 111 -12.63 -24.53 13.35
CA MET B 111 -13.41 -23.50 14.04
C MET B 111 -14.77 -23.27 13.37
N LEU B 112 -14.81 -23.28 12.03
CA LEU B 112 -16.06 -23.08 11.29
C LEU B 112 -17.03 -24.22 11.54
N LYS B 113 -16.50 -25.45 11.68
CA LYS B 113 -17.36 -26.59 11.95
C LYS B 113 -18.00 -26.43 13.33
N LYS B 114 -17.23 -25.95 14.30
CA LYS B 114 -17.76 -25.73 15.64
C LYS B 114 -18.81 -24.63 15.67
N ILE B 115 -18.61 -23.60 14.86
CA ILE B 115 -19.58 -22.52 14.77
C ILE B 115 -20.85 -23.03 14.10
N GLN B 116 -20.68 -23.86 13.08
CA GLN B 116 -21.81 -24.43 12.35
C GLN B 116 -22.65 -25.31 13.28
N GLU B 117 -21.98 -26.12 14.10
CA GLU B 117 -22.65 -27.02 15.05
C GLU B 117 -23.33 -26.31 16.20
N SER B 118 -22.77 -25.19 16.64
CA SER B 118 -23.35 -24.46 17.77
C SER B 118 -24.66 -23.74 17.41
N ASP B 119 -25.26 -23.10 18.40
CA ASP B 119 -26.50 -22.35 18.19
C ASP B 119 -26.20 -20.91 17.81
N PHE B 120 -24.93 -20.59 17.56
CA PHE B 120 -24.57 -19.23 17.19
C PHE B 120 -25.42 -18.81 15.99
N SER B 121 -26.08 -17.66 16.12
CA SER B 121 -26.92 -17.14 15.05
C SER B 121 -26.41 -15.76 14.57
N GLY B 122 -25.17 -15.42 14.94
CA GLY B 122 -24.61 -14.14 14.52
C GLY B 122 -23.88 -14.31 13.19
N ILE B 123 -23.00 -13.36 12.89
CA ILE B 123 -22.25 -13.36 11.62
C ILE B 123 -20.77 -13.71 11.87
N THR B 124 -20.20 -14.52 11.00
CA THR B 124 -18.80 -14.92 11.13
C THR B 124 -17.91 -14.21 10.09
N GLU B 125 -16.74 -13.76 10.52
CA GLU B 125 -15.80 -13.11 9.62
C GLU B 125 -14.53 -13.96 9.58
N LEU B 126 -14.20 -14.47 8.39
CA LEU B 126 -13.01 -15.28 8.19
C LEU B 126 -11.85 -14.36 7.78
N ASN B 127 -10.85 -14.24 8.65
CA ASN B 127 -9.71 -13.37 8.41
C ASN B 127 -8.67 -14.05 7.54
N LEU B 128 -8.57 -13.66 6.28
CA LEU B 128 -7.59 -14.28 5.37
C LEU B 128 -6.40 -13.36 5.13
N SER B 129 -6.16 -12.41 6.02
CA SER B 129 -5.12 -11.43 5.80
C SER B 129 -4.34 -10.93 6.99
N CYS B 130 -4.05 -11.79 7.96
CA CYS B 130 -3.26 -11.32 9.12
C CYS B 130 -1.81 -11.17 8.62
N PRO B 131 -1.24 -9.95 8.72
CA PRO B 131 0.14 -9.84 8.23
C PRO B 131 1.21 -9.79 9.32
N ASN B 132 0.83 -10.13 10.55
CA ASN B 132 1.77 -10.04 11.68
C ASN B 132 2.27 -11.31 12.37
N VAL B 133 2.06 -12.46 11.76
CA VAL B 133 2.51 -13.75 12.31
C VAL B 133 3.75 -14.19 11.53
N PRO B 134 4.92 -14.24 12.21
CA PRO B 134 6.20 -14.65 11.60
C PRO B 134 6.14 -16.02 10.94
N GLY B 135 6.53 -16.09 9.67
CA GLY B 135 6.51 -17.35 8.93
C GLY B 135 5.19 -17.73 8.25
N LYS B 136 4.16 -16.92 8.43
CA LYS B 136 2.84 -17.16 7.84
C LYS B 136 2.44 -16.08 6.81
N PRO B 137 2.53 -16.40 5.49
CA PRO B 137 2.14 -15.38 4.52
C PRO B 137 0.62 -15.16 4.50
N GLN B 138 0.16 -14.07 3.88
CA GLN B 138 -1.27 -13.79 3.82
C GLN B 138 -1.97 -14.70 2.82
N LEU B 139 -2.91 -15.49 3.32
CA LEU B 139 -3.60 -16.43 2.47
C LEU B 139 -4.29 -15.78 1.27
N ALA B 140 -4.91 -14.62 1.48
CA ALA B 140 -5.62 -13.91 0.42
C ALA B 140 -4.77 -13.39 -0.74
N TYR B 141 -3.45 -13.48 -0.62
CA TYR B 141 -2.58 -13.07 -1.73
C TYR B 141 -2.27 -14.31 -2.59
N ASP B 142 -2.75 -15.47 -2.15
CA ASP B 142 -2.56 -16.72 -2.88
C ASP B 142 -3.96 -17.10 -3.37
N PHE B 143 -4.28 -16.68 -4.59
CA PHE B 143 -5.61 -16.93 -5.16
C PHE B 143 -6.05 -18.38 -5.22
N GLU B 144 -5.14 -19.25 -5.59
CA GLU B 144 -5.45 -20.66 -5.69
C GLU B 144 -5.78 -21.25 -4.32
N ALA B 145 -4.97 -20.93 -3.31
CA ALA B 145 -5.19 -21.42 -1.95
C ALA B 145 -6.50 -20.87 -1.37
N THR B 146 -6.81 -19.61 -1.67
CA THR B 146 -8.04 -18.99 -1.20
C THR B 146 -9.27 -19.67 -1.78
N GLU B 147 -9.27 -19.94 -3.07
CA GLU B 147 -10.41 -20.59 -3.69
C GLU B 147 -10.62 -22.01 -3.11
N LYS B 148 -9.53 -22.74 -2.92
CA LYS B 148 -9.64 -24.10 -2.38
C LYS B 148 -10.23 -24.10 -0.98
N LEU B 149 -9.80 -23.17 -0.14
CA LEU B 149 -10.34 -23.10 1.21
C LEU B 149 -11.84 -22.81 1.19
N LEU B 150 -12.25 -21.79 0.39
CA LEU B 150 -13.66 -21.42 0.30
C LEU B 150 -14.52 -22.53 -0.26
N LYS B 151 -14.01 -23.29 -1.22
CA LYS B 151 -14.78 -24.41 -1.76
C LYS B 151 -15.09 -25.40 -0.65
N GLU B 152 -14.08 -25.68 0.16
CA GLU B 152 -14.25 -26.62 1.23
C GLU B 152 -15.17 -26.08 2.31
N VAL B 153 -15.02 -24.81 2.65
CA VAL B 153 -15.86 -24.21 3.68
C VAL B 153 -17.35 -24.28 3.30
N PHE B 154 -17.66 -23.97 2.05
CA PHE B 154 -19.06 -23.97 1.62
C PHE B 154 -19.67 -25.34 1.39
N THR B 155 -18.93 -26.42 1.66
CA THR B 155 -19.54 -27.73 1.51
C THR B 155 -20.28 -28.06 2.81
N PHE B 156 -20.12 -27.23 3.84
CA PHE B 156 -20.82 -27.49 5.11
C PHE B 156 -21.31 -26.24 5.86
N PHE B 157 -20.66 -25.10 5.67
CA PHE B 157 -21.04 -23.90 6.40
C PHE B 157 -22.27 -23.25 5.78
N THR B 158 -23.36 -23.16 6.54
CA THR B 158 -24.57 -22.57 6.01
C THR B 158 -24.95 -21.25 6.65
N LYS B 159 -24.23 -20.86 7.70
CA LYS B 159 -24.52 -19.59 8.38
C LYS B 159 -23.85 -18.40 7.67
N PRO B 160 -24.23 -17.15 8.01
CA PRO B 160 -23.64 -15.97 7.36
C PRO B 160 -22.13 -15.88 7.55
N LEU B 161 -21.39 -15.77 6.45
CA LEU B 161 -19.93 -15.68 6.47
C LEU B 161 -19.42 -14.54 5.59
N GLY B 162 -18.46 -13.78 6.11
CA GLY B 162 -17.83 -12.70 5.37
C GLY B 162 -16.33 -12.95 5.45
N VAL B 163 -15.55 -12.35 4.54
CA VAL B 163 -14.10 -12.50 4.55
C VAL B 163 -13.40 -11.16 4.69
N LYS B 164 -12.38 -11.10 5.55
CA LYS B 164 -11.59 -9.90 5.77
C LYS B 164 -10.41 -10.03 4.81
N LEU B 165 -10.30 -9.09 3.87
CA LEU B 165 -9.26 -9.13 2.85
C LEU B 165 -8.16 -8.11 2.98
N PRO B 166 -6.97 -8.46 2.45
CA PRO B 166 -5.83 -7.54 2.50
C PRO B 166 -6.04 -6.57 1.31
N PRO B 167 -5.35 -5.43 1.31
CA PRO B 167 -5.56 -4.52 0.16
C PRO B 167 -4.92 -5.05 -1.12
N TYR B 168 -5.54 -4.79 -2.28
CA TYR B 168 -4.98 -5.20 -3.55
C TYR B 168 -4.57 -3.91 -4.24
N PHE B 169 -3.59 -3.98 -5.15
CA PHE B 169 -3.08 -2.78 -5.82
C PHE B 169 -3.03 -2.82 -7.34
N ASP B 170 -3.59 -3.86 -7.95
CA ASP B 170 -3.59 -3.99 -9.40
C ASP B 170 -5.01 -4.40 -9.78
N LEU B 171 -5.59 -3.72 -10.78
CA LEU B 171 -6.97 -4.01 -11.19
C LEU B 171 -7.21 -5.45 -11.57
N VAL B 172 -6.21 -6.10 -12.16
CA VAL B 172 -6.38 -7.49 -12.54
C VAL B 172 -6.60 -8.35 -11.30
N HIS B 173 -6.01 -7.99 -10.18
CA HIS B 173 -6.20 -8.76 -8.96
C HIS B 173 -7.63 -8.63 -8.49
N PHE B 174 -8.22 -7.47 -8.67
CA PHE B 174 -9.63 -7.31 -8.27
C PHE B 174 -10.49 -8.19 -9.16
N ASP B 175 -10.15 -8.25 -10.44
CA ASP B 175 -10.89 -9.09 -11.38
C ASP B 175 -10.81 -10.55 -11.01
N ILE B 176 -9.60 -11.03 -10.74
CA ILE B 176 -9.41 -12.42 -10.35
C ILE B 176 -10.15 -12.75 -9.04
N MET B 177 -10.01 -11.88 -8.04
CA MET B 177 -10.67 -12.10 -6.76
C MET B 177 -12.18 -12.07 -6.83
N ALA B 178 -12.72 -11.08 -7.54
CA ALA B 178 -14.16 -10.95 -7.66
C ALA B 178 -14.75 -12.20 -8.31
N GLU B 179 -14.04 -12.73 -9.28
CA GLU B 179 -14.50 -13.92 -9.97
C GLU B 179 -14.46 -15.14 -9.05
N ILE B 180 -13.45 -15.22 -8.17
CA ILE B 180 -13.38 -16.33 -7.24
C ILE B 180 -14.53 -16.21 -6.23
N LEU B 181 -14.71 -15.01 -5.68
CA LEU B 181 -15.73 -14.76 -4.67
C LEU B 181 -17.17 -14.87 -5.14
N ASN B 182 -17.44 -14.41 -6.35
CA ASN B 182 -18.78 -14.43 -6.93
C ASN B 182 -19.40 -15.81 -7.08
N GLN B 183 -18.59 -16.86 -7.04
CA GLN B 183 -19.14 -18.19 -7.17
C GLN B 183 -19.64 -18.79 -5.85
N PHE B 184 -19.53 -18.05 -4.75
CA PHE B 184 -19.93 -18.56 -3.46
C PHE B 184 -21.07 -17.77 -2.83
N PRO B 185 -21.85 -18.40 -1.93
CA PRO B 185 -22.95 -17.69 -1.27
C PRO B 185 -22.41 -16.88 -0.09
N LEU B 186 -21.39 -16.05 -0.33
CA LEU B 186 -20.80 -15.24 0.73
C LEU B 186 -21.75 -14.13 1.13
N THR B 187 -21.72 -13.75 2.41
CA THR B 187 -22.55 -12.67 2.90
C THR B 187 -21.91 -11.31 2.63
N TYR B 188 -20.60 -11.23 2.77
CA TYR B 188 -19.91 -9.96 2.54
C TYR B 188 -18.40 -10.10 2.44
N VAL B 189 -17.75 -9.01 2.04
CA VAL B 189 -16.30 -8.92 2.01
C VAL B 189 -16.02 -7.63 2.77
N ASN B 190 -14.96 -7.67 3.58
CA ASN B 190 -14.57 -6.52 4.38
C ASN B 190 -13.19 -6.08 3.87
N SER B 191 -13.11 -4.89 3.31
CA SER B 191 -11.85 -4.33 2.81
C SER B 191 -11.65 -3.05 3.60
N VAL B 192 -10.48 -2.82 4.19
CA VAL B 192 -9.31 -3.72 4.10
C VAL B 192 -8.64 -3.93 5.47
N ASN B 193 -7.80 -4.94 5.53
CA ASN B 193 -6.98 -5.20 6.73
C ASN B 193 -5.84 -4.18 6.59
N SER B 194 -4.96 -4.07 7.57
CA SER B 194 -3.88 -3.08 7.49
C SER B 194 -2.94 -3.32 6.32
N ILE B 195 -2.30 -2.27 5.83
CA ILE B 195 -1.35 -2.44 4.73
C ILE B 195 -0.14 -3.19 5.33
N GLY B 196 0.12 -4.37 4.79
CA GLY B 196 1.17 -5.22 5.31
C GLY B 196 2.61 -4.80 5.23
N ASN B 197 3.32 -5.12 6.31
CA ASN B 197 4.77 -4.92 6.39
C ASN B 197 5.38 -3.58 6.02
N GLY B 198 4.90 -2.52 6.66
CA GLY B 198 5.46 -1.20 6.47
C GLY B 198 6.54 -1.08 7.53
N LEU B 199 7.21 0.06 7.57
CA LEU B 199 8.28 0.24 8.54
C LEU B 199 8.24 1.67 9.00
N PHE B 200 8.38 1.89 10.30
CA PHE B 200 8.44 3.25 10.82
C PHE B 200 9.76 3.33 11.60
N ILE B 201 10.43 4.48 11.49
CA ILE B 201 11.72 4.65 12.11
C ILE B 201 11.85 5.84 13.03
N ASP B 202 12.56 5.65 14.15
CA ASP B 202 12.83 6.75 15.07
C ASP B 202 14.23 7.20 14.61
N PRO B 203 14.32 8.35 13.91
CA PRO B 203 15.60 8.85 13.41
C PRO B 203 16.64 9.20 14.49
N GLU B 204 16.18 9.67 15.65
CA GLU B 204 17.11 10.01 16.71
C GLU B 204 17.81 8.78 17.24
N ALA B 205 17.02 7.74 17.52
CA ALA B 205 17.58 6.50 18.04
C ALA B 205 18.13 5.64 16.93
N GLU B 206 17.81 5.99 15.68
CA GLU B 206 18.25 5.23 14.51
C GLU B 206 17.82 3.77 14.57
N SER B 207 16.57 3.55 15.01
CA SER B 207 16.05 2.19 15.12
C SER B 207 14.56 2.11 14.80
N VAL B 208 14.08 0.88 14.66
CA VAL B 208 12.66 0.66 14.39
C VAL B 208 11.92 0.91 15.69
N VAL B 209 10.60 0.99 15.62
CA VAL B 209 9.80 1.29 16.81
C VAL B 209 9.02 0.13 17.39
N ILE B 210 9.01 -1.02 16.71
CA ILE B 210 8.33 -2.18 17.27
C ILE B 210 9.33 -3.34 17.30
N LYS B 211 9.19 -4.18 18.30
CA LYS B 211 10.08 -5.32 18.49
C LYS B 211 9.96 -6.51 17.54
N PRO B 212 8.74 -6.99 17.25
CA PRO B 212 8.63 -8.15 16.35
C PRO B 212 9.10 -7.93 14.90
N LYS B 213 9.50 -9.01 14.25
CA LYS B 213 9.92 -8.99 12.85
C LYS B 213 10.81 -7.83 12.40
N ASP B 214 11.79 -7.49 13.22
CA ASP B 214 12.73 -6.43 12.88
C ASP B 214 12.08 -5.10 12.59
N GLY B 215 10.89 -4.88 13.15
CA GLY B 215 10.21 -3.62 12.98
C GLY B 215 9.12 -3.53 11.92
N PHE B 216 8.95 -4.56 11.11
CA PHE B 216 7.91 -4.57 10.07
C PHE B 216 6.54 -4.86 10.69
N GLY B 217 5.55 -4.00 10.38
CA GLY B 217 4.22 -4.17 10.94
C GLY B 217 3.15 -3.61 10.04
N GLY B 218 1.88 -3.93 10.36
CA GLY B 218 0.76 -3.46 9.56
C GLY B 218 0.48 -1.99 9.78
N ILE B 219 0.18 -1.28 8.69
CA ILE B 219 -0.07 0.16 8.76
C ILE B 219 -1.58 0.45 8.69
N GLY B 220 -2.06 1.34 9.56
CA GLY B 220 -3.47 1.70 9.54
C GLY B 220 -3.58 3.20 9.73
N GLY B 221 -4.80 3.74 9.67
CA GLY B 221 -5.00 5.17 9.86
C GLY B 221 -5.01 5.98 8.57
N ALA B 222 -4.69 7.27 8.67
CA ALA B 222 -4.73 8.19 7.52
C ALA B 222 -3.90 7.74 6.34
N TYR B 223 -2.77 7.08 6.63
CA TYR B 223 -1.90 6.59 5.57
C TYR B 223 -2.64 5.73 4.56
N ILE B 224 -3.57 4.90 5.04
CA ILE B 224 -4.23 3.97 4.14
C ILE B 224 -5.59 4.30 3.52
N LYS B 225 -6.14 5.48 3.79
CA LYS B 225 -7.46 5.76 3.24
C LYS B 225 -7.59 5.65 1.72
N PRO B 226 -6.62 6.21 0.94
CA PRO B 226 -6.75 6.10 -0.53
C PRO B 226 -6.83 4.66 -0.99
N THR B 227 -6.05 3.76 -0.37
CA THR B 227 -6.06 2.34 -0.74
C THR B 227 -7.37 1.66 -0.29
N ALA B 228 -7.84 2.03 0.91
CA ALA B 228 -9.06 1.46 1.47
C ALA B 228 -10.27 1.80 0.58
N LEU B 229 -10.40 3.08 0.23
CA LEU B 229 -11.51 3.51 -0.64
C LEU B 229 -11.47 2.83 -2.00
N ALA B 230 -10.28 2.68 -2.56
CA ALA B 230 -10.11 2.03 -3.86
C ALA B 230 -10.57 0.58 -3.80
N ASN B 231 -10.22 -0.09 -2.70
CA ASN B 231 -10.60 -1.49 -2.55
C ASN B 231 -12.10 -1.69 -2.40
N VAL B 232 -12.72 -0.81 -1.62
CA VAL B 232 -14.17 -0.87 -1.42
C VAL B 232 -14.85 -0.61 -2.78
N ARG B 233 -14.43 0.45 -3.46
CA ARG B 233 -15.01 0.80 -4.77
C ARG B 233 -14.78 -0.26 -5.85
N ALA B 234 -13.58 -0.80 -5.92
CA ALA B 234 -13.25 -1.79 -6.93
C ALA B 234 -14.09 -3.05 -6.77
N PHE B 235 -14.34 -3.46 -5.52
CA PHE B 235 -15.15 -4.64 -5.29
C PHE B 235 -16.62 -4.35 -5.46
N TYR B 236 -17.04 -3.15 -5.08
CA TYR B 236 -18.43 -2.77 -5.23
C TYR B 236 -18.88 -2.87 -6.69
N THR B 237 -18.01 -2.51 -7.63
CA THR B 237 -18.40 -2.59 -9.02
C THR B 237 -18.19 -3.96 -9.66
N ARG B 238 -17.62 -4.92 -8.94
CA ARG B 238 -17.36 -6.25 -9.51
C ARG B 238 -18.10 -7.41 -8.85
N LEU B 239 -18.52 -7.24 -7.61
CA LEU B 239 -19.19 -8.33 -6.91
C LEU B 239 -20.67 -8.36 -7.22
N LYS B 240 -21.24 -9.58 -7.22
CA LYS B 240 -22.66 -9.72 -7.44
C LYS B 240 -23.33 -8.97 -6.28
N PRO B 241 -24.43 -8.27 -6.54
CA PRO B 241 -25.12 -7.51 -5.49
C PRO B 241 -25.50 -8.27 -4.22
N GLU B 242 -25.59 -9.60 -4.27
CA GLU B 242 -25.92 -10.37 -3.07
C GLU B 242 -24.83 -10.27 -2.02
N ILE B 243 -23.59 -9.97 -2.43
CA ILE B 243 -22.48 -9.86 -1.49
C ILE B 243 -22.27 -8.39 -1.12
N GLN B 244 -22.55 -8.03 0.13
CA GLN B 244 -22.37 -6.64 0.55
C GLN B 244 -20.93 -6.37 0.98
N ILE B 245 -20.65 -5.13 1.30
CA ILE B 245 -19.28 -4.76 1.65
C ILE B 245 -19.15 -4.00 2.95
N ILE B 246 -18.14 -4.34 3.72
CA ILE B 246 -17.87 -3.60 4.93
C ILE B 246 -16.59 -2.81 4.56
N GLY B 247 -16.61 -1.50 4.76
CA GLY B 247 -15.45 -0.70 4.47
C GLY B 247 -14.69 -0.41 5.74
N THR B 248 -13.38 -0.69 5.72
CA THR B 248 -12.51 -0.46 6.87
C THR B 248 -11.21 0.20 6.39
N GLY B 249 -10.77 1.24 7.09
CA GLY B 249 -9.51 1.87 6.71
C GLY B 249 -9.51 3.37 6.69
N GLY B 250 -8.72 3.97 7.56
CA GLY B 250 -8.63 5.41 7.58
C GLY B 250 -9.87 6.19 7.97
N ILE B 251 -10.82 5.58 8.66
CA ILE B 251 -12.02 6.34 9.07
C ILE B 251 -11.82 7.02 10.41
N GLU B 252 -11.88 8.34 10.45
CA GLU B 252 -11.75 9.02 11.73
C GLU B 252 -12.70 10.21 11.87
N THR B 253 -13.35 10.62 10.79
CA THR B 253 -14.32 11.72 10.85
C THR B 253 -15.57 11.28 10.05
N GLY B 254 -16.65 12.03 10.19
CA GLY B 254 -17.88 11.70 9.48
C GLY B 254 -17.64 11.78 7.98
N GLN B 255 -16.74 12.66 7.57
CA GLN B 255 -16.42 12.81 6.15
C GLN B 255 -15.77 11.54 5.59
N ASP B 256 -14.85 10.95 6.37
CA ASP B 256 -14.21 9.71 5.93
C ASP B 256 -15.28 8.64 5.78
N ALA B 257 -16.24 8.64 6.71
CA ALA B 257 -17.34 7.67 6.70
C ALA B 257 -18.19 7.87 5.44
N PHE B 258 -18.47 9.13 5.16
CA PHE B 258 -19.26 9.52 3.99
C PHE B 258 -18.60 9.01 2.69
N GLU B 259 -17.28 9.16 2.60
CA GLU B 259 -16.54 8.70 1.40
C GLU B 259 -16.64 7.19 1.20
N HIS B 260 -16.52 6.42 2.29
CA HIS B 260 -16.67 4.95 2.17
C HIS B 260 -18.07 4.55 1.67
N LEU B 261 -19.10 5.20 2.23
CA LEU B 261 -20.49 4.89 1.86
C LEU B 261 -20.72 5.25 0.39
N LEU B 262 -20.20 6.40 -0.04
CA LEU B 262 -20.30 6.86 -1.42
C LEU B 262 -19.66 5.82 -2.36
N CYS B 263 -18.58 5.17 -1.90
CA CYS B 263 -17.93 4.16 -2.72
C CYS B 263 -18.75 2.88 -2.79
N GLY B 264 -19.61 2.65 -1.80
CA GLY B 264 -20.40 1.44 -1.82
C GLY B 264 -20.33 0.54 -0.58
N ALA B 265 -19.66 0.97 0.49
CA ALA B 265 -19.60 0.19 1.73
C ALA B 265 -20.99 0.30 2.44
N THR B 266 -21.43 -0.75 3.12
CA THR B 266 -22.71 -0.74 3.85
C THR B 266 -22.44 -0.55 5.35
N MET B 267 -21.57 -1.39 5.93
CA MET B 267 -21.17 -1.24 7.34
C MET B 267 -19.76 -0.64 7.30
N LEU B 268 -19.37 0.04 8.36
CA LEU B 268 -18.05 0.70 8.46
C LEU B 268 -17.34 0.28 9.74
N GLN B 269 -16.04 -0.03 9.65
CA GLN B 269 -15.30 -0.40 10.86
C GLN B 269 -14.21 0.60 11.15
N ILE B 270 -14.05 0.94 12.42
CA ILE B 270 -13.04 1.91 12.84
C ILE B 270 -11.98 1.20 13.67
N GLY B 271 -10.71 1.29 13.25
CA GLY B 271 -9.62 0.65 13.96
C GLY B 271 -8.78 1.62 14.74
N THR B 272 -7.76 2.15 14.06
CA THR B 272 -6.81 3.09 14.64
C THR B 272 -7.43 4.21 15.43
N ALA B 273 -8.40 4.90 14.83
CA ALA B 273 -9.04 6.04 15.51
C ALA B 273 -9.75 5.61 16.82
N LEU B 274 -10.34 4.43 16.83
CA LEU B 274 -11.03 3.91 18.03
C LEU B 274 -9.99 3.57 19.08
N HIS B 275 -8.86 3.01 18.66
CA HIS B 275 -7.78 2.67 19.58
C HIS B 275 -7.27 3.93 20.26
N LYS B 276 -7.21 5.03 19.52
CA LYS B 276 -6.75 6.30 20.08
C LYS B 276 -7.79 7.02 20.89
N GLU B 277 -9.03 6.98 20.45
CA GLU B 277 -10.08 7.74 21.12
C GLU B 277 -10.98 7.03 22.13
N GLY B 278 -11.14 5.72 22.00
CA GLY B 278 -12.00 5.01 22.92
C GLY B 278 -13.40 4.98 22.31
N PRO B 279 -14.34 4.23 22.90
CA PRO B 279 -15.72 4.10 22.41
C PRO B 279 -16.52 5.39 22.21
N ALA B 280 -16.06 6.50 22.77
CA ALA B 280 -16.73 7.78 22.62
C ALA B 280 -16.68 8.24 21.16
N ILE B 281 -15.77 7.66 20.38
CA ILE B 281 -15.64 8.04 18.99
C ILE B 281 -16.96 7.84 18.22
N PHE B 282 -17.70 6.80 18.56
CA PHE B 282 -18.94 6.49 17.84
C PHE B 282 -19.97 7.58 17.96
N ASP B 283 -20.05 8.17 19.13
CA ASP B 283 -20.96 9.26 19.36
C ASP B 283 -20.58 10.45 18.47
N ARG B 284 -19.30 10.79 18.45
CA ARG B 284 -18.79 11.90 17.66
C ARG B 284 -18.95 11.72 16.15
N ILE B 285 -18.54 10.57 15.64
CA ILE B 285 -18.62 10.34 14.21
C ILE B 285 -20.06 10.23 13.65
N ILE B 286 -20.99 9.75 14.49
CA ILE B 286 -22.38 9.65 14.08
C ILE B 286 -22.90 11.07 13.90
N LYS B 287 -22.57 11.95 14.84
CA LYS B 287 -23.00 13.34 14.74
C LYS B 287 -22.39 14.03 13.51
N GLU B 288 -21.12 13.74 13.24
CA GLU B 288 -20.46 14.32 12.08
C GLU B 288 -21.08 13.87 10.77
N LEU B 289 -21.40 12.59 10.65
CA LEU B 289 -22.01 12.09 9.43
C LEU B 289 -23.42 12.68 9.23
N GLU B 290 -24.20 12.75 10.30
CA GLU B 290 -25.55 13.29 10.20
C GLU B 290 -25.50 14.75 9.78
N GLU B 291 -24.48 15.46 10.26
CA GLU B 291 -24.34 16.86 9.92
C GLU B 291 -24.09 17.00 8.42
N ILE B 292 -23.24 16.15 7.88
CA ILE B 292 -22.92 16.16 6.47
C ILE B 292 -24.19 15.89 5.68
N MET B 293 -24.94 14.86 6.09
CA MET B 293 -26.17 14.50 5.41
C MET B 293 -27.20 15.62 5.47
N ASN B 294 -27.26 16.33 6.59
CA ASN B 294 -28.20 17.43 6.74
C ASN B 294 -27.90 18.55 5.77
N GLN B 295 -26.63 18.93 5.69
CA GLN B 295 -26.22 19.99 4.79
C GLN B 295 -26.51 19.67 3.33
N LYS B 296 -26.44 18.39 2.96
CA LYS B 296 -26.72 17.98 1.60
C LYS B 296 -28.21 17.64 1.37
N GLY B 297 -29.01 17.68 2.43
CA GLY B 297 -30.42 17.36 2.32
C GLY B 297 -30.70 15.87 2.16
N TYR B 298 -29.82 15.03 2.70
CA TYR B 298 -29.98 13.58 2.64
C TYR B 298 -30.64 13.12 3.92
N GLN B 299 -31.62 12.23 3.82
CA GLN B 299 -32.31 11.73 5.02
C GLN B 299 -32.03 10.28 5.33
N SER B 300 -31.38 9.60 4.39
CA SER B 300 -31.04 8.22 4.61
C SER B 300 -29.80 7.88 3.77
N ILE B 301 -29.05 6.87 4.20
CA ILE B 301 -27.85 6.46 3.49
C ILE B 301 -28.17 6.00 2.06
N ALA B 302 -29.38 5.52 1.83
CA ALA B 302 -29.78 5.08 0.50
C ALA B 302 -29.77 6.22 -0.53
N ASP B 303 -29.85 7.46 -0.07
CA ASP B 303 -29.83 8.63 -0.95
C ASP B 303 -28.52 8.78 -1.75
N PHE B 304 -27.40 8.37 -1.17
CA PHE B 304 -26.13 8.51 -1.85
C PHE B 304 -25.26 7.26 -1.85
N HIS B 305 -25.74 6.18 -1.25
CA HIS B 305 -24.95 4.96 -1.18
C HIS B 305 -24.46 4.49 -2.54
N GLY B 306 -23.16 4.27 -2.66
CA GLY B 306 -22.57 3.80 -3.91
C GLY B 306 -22.62 4.75 -5.10
N LYS B 307 -23.06 5.98 -4.88
CA LYS B 307 -23.22 6.96 -5.94
C LYS B 307 -22.03 7.86 -6.28
N LEU B 308 -20.82 7.35 -6.11
CA LEU B 308 -19.59 8.10 -6.40
C LEU B 308 -19.60 8.43 -7.90
N LYS B 309 -19.40 9.69 -8.26
CA LYS B 309 -19.39 10.07 -9.67
C LYS B 309 -18.00 10.05 -10.28
N SER B 310 -17.94 9.67 -11.54
CA SER B 310 -16.70 9.68 -12.32
C SER B 310 -16.67 11.02 -13.03
N LEU B 311 -15.49 11.41 -13.53
CA LEU B 311 -15.38 12.67 -14.25
C LEU B 311 -15.57 12.37 -15.74
#